data_5VAM
#
_entry.id   5VAM
#
_cell.length_a   109.390
_cell.length_b   109.390
_cell.length_c   135.980
_cell.angle_alpha   90.000
_cell.angle_beta   90.000
_cell.angle_gamma   90.000
#
_symmetry.space_group_name_H-M   'P 41 21 2'
#
loop_
_entity.id
_entity.type
_entity.pdbx_description
1 polymer 'Serine/threonine-protein kinase B-raf'
2 non-polymer "N-{2-methyl-5'-(morpholin-4-yl)-6'-[(oxan-4-yl)oxy][3,3'-bipyridin]-5-yl}-3-(trifluoromethyl)benzamide"
3 water water
#
_entity_poly.entity_id   1
_entity_poly.type   'polypeptide(L)'
_entity_poly.pdbx_seq_one_letter_code
;GSDSSDDWEIPDGQITVGQRIGSGSFGTVYKGKWHGDVAVKMLNVTAPTPQQLQAFKNEVGVLRKTRHVNILLFMGYSTK
PQLAIVTQWCEGSSLYHHLHIIETKFEMIKLIDIARQTAQGMDYLHAKSIIHRDLKSNNIFLHEDLTVKIGDFGLATVKS
RWSGSHQFEQLSGSILWMAPEVIRMQDKNPYSFQSDVYAFGIVLYELMTGQLPYSNINNRDQIIFMVGRGYLSPDLSKVR
SNCPKAMKRLMAECLKKKRDERPLFPQILASIELLARSLPK
;
_entity_poly.pdbx_strand_id   A,B
#
# COMPACT_ATOMS: atom_id res chain seq x y z
N ASP A 7 -5.95 12.41 12.92
CA ASP A 7 -6.56 11.10 13.10
C ASP A 7 -7.18 10.53 11.80
N TRP A 8 -8.00 9.47 11.92
CA TRP A 8 -8.57 8.77 10.77
C TRP A 8 -10.00 9.10 10.46
N GLU A 9 -10.64 9.95 11.27
CA GLU A 9 -12.01 10.35 10.96
C GLU A 9 -12.01 11.34 9.80
N ILE A 10 -12.84 11.06 8.78
CA ILE A 10 -12.98 11.92 7.60
C ILE A 10 -14.19 12.85 7.80
N PRO A 11 -14.01 14.21 7.78
CA PRO A 11 -15.18 15.10 7.95
C PRO A 11 -16.27 14.95 6.90
N ASP A 12 -17.53 15.20 7.31
CA ASP A 12 -18.74 15.13 6.48
C ASP A 12 -18.61 15.98 5.21
N GLY A 13 -19.01 15.41 4.09
CA GLY A 13 -19.00 16.08 2.79
C GLY A 13 -17.74 15.94 1.93
N GLN A 14 -16.70 15.27 2.45
CA GLN A 14 -15.46 15.09 1.69
C GLN A 14 -15.56 13.91 0.75
N ILE A 15 -16.26 12.84 1.16
CA ILE A 15 -16.44 11.63 0.36
C ILE A 15 -17.59 11.77 -0.65
N THR A 16 -17.31 11.49 -1.93
CA THR A 16 -18.33 11.45 -2.99
C THR A 16 -18.64 9.98 -3.14
N VAL A 17 -19.85 9.58 -2.77
CA VAL A 17 -20.27 8.19 -2.84
C VAL A 17 -20.77 7.94 -4.28
N GLY A 18 -20.23 6.92 -4.94
CA GLY A 18 -20.59 6.57 -6.31
C GLY A 18 -21.36 5.27 -6.39
N GLN A 19 -21.13 4.51 -7.47
CA GLN A 19 -21.75 3.21 -7.78
C GLN A 19 -21.83 2.23 -6.60
N ARG A 20 -23.05 1.73 -6.29
CA ARG A 20 -23.25 0.71 -5.28
C ARG A 20 -22.74 -0.61 -5.88
N ILE A 21 -21.89 -1.30 -5.11
CA ILE A 21 -21.23 -2.54 -5.51
C ILE A 21 -22.01 -3.73 -4.99
N GLY A 22 -22.29 -3.74 -3.70
CA GLY A 22 -23.03 -4.82 -3.07
C GLY A 22 -23.51 -4.52 -1.67
N SER A 23 -24.36 -5.40 -1.15
CA SER A 23 -24.91 -5.28 0.19
C SER A 23 -25.19 -6.64 0.83
N GLY A 24 -25.28 -6.62 2.15
CA GLY A 24 -25.60 -7.77 2.98
C GLY A 24 -26.41 -7.28 4.17
N SER A 25 -26.69 -8.16 5.13
CA SER A 25 -27.47 -7.83 6.33
C SER A 25 -26.80 -6.77 7.26
N PHE A 26 -25.48 -6.57 7.17
CA PHE A 26 -24.79 -5.59 8.00
C PHE A 26 -24.40 -4.29 7.27
N GLY A 27 -23.78 -4.40 6.10
CA GLY A 27 -23.31 -3.24 5.37
C GLY A 27 -23.52 -3.24 3.88
N THR A 28 -23.29 -2.07 3.28
CA THR A 28 -23.38 -1.82 1.85
C THR A 28 -22.07 -1.19 1.37
N VAL A 29 -21.46 -1.78 0.35
CA VAL A 29 -20.21 -1.27 -0.23
C VAL A 29 -20.51 -0.48 -1.51
N TYR A 30 -19.81 0.66 -1.65
CA TYR A 30 -19.89 1.55 -2.79
C TYR A 30 -18.49 1.89 -3.29
N LYS A 31 -18.39 2.26 -4.56
CA LYS A 31 -17.16 2.82 -5.09
C LYS A 31 -17.31 4.32 -4.78
N GLY A 32 -16.23 5.01 -4.45
CA GLY A 32 -16.29 6.43 -4.13
C GLY A 32 -15.07 7.24 -4.53
N LYS A 33 -15.07 8.52 -4.13
CA LYS A 33 -13.99 9.46 -4.38
C LYS A 33 -13.61 10.23 -3.12
N TRP A 34 -12.34 10.11 -2.71
CA TRP A 34 -11.75 10.81 -1.57
C TRP A 34 -10.25 10.73 -1.79
N HIS A 35 -9.69 11.78 -2.40
CA HIS A 35 -8.29 11.83 -2.83
C HIS A 35 -8.03 10.64 -3.78
N GLY A 36 -8.91 10.48 -4.78
CA GLY A 36 -8.83 9.37 -5.72
C GLY A 36 -9.91 8.32 -5.48
N ASP A 37 -9.88 7.22 -6.25
CA ASP A 37 -10.87 6.15 -6.11
C ASP A 37 -10.70 5.43 -4.76
N VAL A 38 -11.82 5.22 -4.07
CA VAL A 38 -11.87 4.53 -2.78
C VAL A 38 -13.05 3.56 -2.75
N ALA A 39 -13.00 2.60 -1.82
CA ALA A 39 -14.11 1.69 -1.53
C ALA A 39 -14.73 2.23 -0.20
N VAL A 40 -16.05 2.37 -0.13
CA VAL A 40 -16.75 2.91 1.05
C VAL A 40 -17.73 1.87 1.58
N LYS A 41 -17.51 1.36 2.79
CA LYS A 41 -18.43 0.41 3.40
C LYS A 41 -19.24 1.09 4.49
N MET A 42 -20.53 1.24 4.25
CA MET A 42 -21.41 1.88 5.24
C MET A 42 -22.23 0.87 5.96
N LEU A 43 -22.57 1.18 7.21
CA LEU A 43 -23.51 0.37 7.97
C LEU A 43 -24.88 0.61 7.33
N ASN A 44 -25.79 -0.38 7.39
CA ASN A 44 -27.13 -0.24 6.81
C ASN A 44 -28.04 0.71 7.59
N VAL A 45 -27.72 0.96 8.87
CA VAL A 45 -28.51 1.85 9.73
C VAL A 45 -27.76 3.15 10.06
N THR A 46 -28.49 4.27 10.10
CA THR A 46 -27.95 5.59 10.42
C THR A 46 -27.82 5.78 11.94
N ALA A 47 -28.80 5.26 12.71
CA ALA A 47 -28.84 5.29 14.18
C ALA A 47 -28.58 3.85 14.75
N PRO A 48 -27.31 3.40 14.86
CA PRO A 48 -27.05 2.02 15.31
C PRO A 48 -27.28 1.76 16.79
N THR A 49 -27.49 0.47 17.13
CA THR A 49 -27.66 0.01 18.51
C THR A 49 -26.26 -0.04 19.16
N PRO A 50 -26.14 -0.03 20.51
CA PRO A 50 -24.80 -0.14 21.13
C PRO A 50 -23.94 -1.30 20.60
N GLN A 51 -24.56 -2.43 20.23
CA GLN A 51 -23.89 -3.62 19.68
C GLN A 51 -23.37 -3.40 18.24
N GLN A 52 -24.19 -2.75 17.39
CA GLN A 52 -23.84 -2.46 16.00
C GLN A 52 -22.68 -1.49 15.92
N LEU A 53 -22.70 -0.46 16.80
CA LEU A 53 -21.66 0.57 16.91
C LEU A 53 -20.39 -0.10 17.42
N GLN A 54 -20.52 -1.04 18.37
CA GLN A 54 -19.36 -1.76 18.88
C GLN A 54 -18.75 -2.65 17.80
N ALA A 55 -19.60 -3.30 16.96
CA ALA A 55 -19.16 -4.13 15.83
C ALA A 55 -18.37 -3.28 14.83
N PHE A 56 -18.84 -2.05 14.58
CA PHE A 56 -18.21 -1.09 13.68
C PHE A 56 -16.85 -0.66 14.23
N LYS A 57 -16.82 -0.21 15.51
CA LYS A 57 -15.61 0.25 16.17
C LYS A 57 -14.54 -0.87 16.23
N ASN A 58 -14.97 -2.13 16.40
CA ASN A 58 -14.10 -3.30 16.44
C ASN A 58 -13.40 -3.50 15.11
N GLU A 59 -14.12 -3.30 13.99
CA GLU A 59 -13.54 -3.46 12.66
C GLU A 59 -12.53 -2.36 12.37
N VAL A 60 -12.87 -1.07 12.67
CA VAL A 60 -11.97 0.08 12.51
C VAL A 60 -10.70 -0.19 13.38
N GLY A 61 -10.90 -0.71 14.59
CA GLY A 61 -9.86 -1.09 15.55
C GLY A 61 -8.83 -2.06 15.00
N VAL A 62 -9.27 -3.11 14.27
CA VAL A 62 -8.37 -4.09 13.64
C VAL A 62 -7.67 -3.44 12.42
N LEU A 63 -8.45 -2.84 11.48
CA LEU A 63 -7.91 -2.19 10.28
C LEU A 63 -6.87 -1.11 10.57
N ARG A 64 -7.12 -0.24 11.58
CA ARG A 64 -6.17 0.83 11.89
C ARG A 64 -4.84 0.31 12.44
N LYS A 65 -4.77 -0.96 12.87
CA LYS A 65 -3.51 -1.57 13.32
C LYS A 65 -2.73 -2.14 12.15
N THR A 66 -3.24 -2.03 10.92
CA THR A 66 -2.56 -2.63 9.78
C THR A 66 -1.91 -1.62 8.84
N ARG A 67 -0.62 -1.86 8.50
CA ARG A 67 0.19 -1.09 7.54
C ARG A 67 1.13 -2.08 6.84
N HIS A 68 0.64 -2.72 5.78
CA HIS A 68 1.40 -3.73 5.05
C HIS A 68 0.86 -3.81 3.62
N VAL A 69 1.75 -3.90 2.63
CA VAL A 69 1.41 -3.97 1.21
C VAL A 69 0.45 -5.11 0.83
N ASN A 70 0.40 -6.22 1.62
CA ASN A 70 -0.52 -7.34 1.34
C ASN A 70 -1.78 -7.34 2.22
N ILE A 71 -2.07 -6.21 2.86
CA ILE A 71 -3.32 -6.06 3.60
C ILE A 71 -4.02 -4.90 2.90
N LEU A 72 -5.33 -5.04 2.64
CA LEU A 72 -6.12 -3.97 2.03
C LEU A 72 -5.87 -2.67 2.83
N LEU A 73 -5.46 -1.60 2.13
CA LEU A 73 -5.12 -0.34 2.81
C LEU A 73 -6.34 0.38 3.36
N PHE A 74 -6.47 0.39 4.70
CA PHE A 74 -7.48 1.16 5.42
C PHE A 74 -7.07 2.64 5.24
N MET A 75 -8.01 3.51 4.93
CA MET A 75 -7.69 4.94 4.67
C MET A 75 -8.33 5.92 5.68
N GLY A 76 -9.42 5.50 6.30
CA GLY A 76 -10.11 6.31 7.30
C GLY A 76 -11.53 5.85 7.53
N TYR A 77 -12.26 6.55 8.36
CA TYR A 77 -13.67 6.21 8.63
C TYR A 77 -14.47 7.50 8.77
N SER A 78 -15.78 7.43 8.55
CA SER A 78 -16.66 8.58 8.75
C SER A 78 -17.67 8.24 9.84
N THR A 79 -18.28 9.27 10.45
CA THR A 79 -19.36 9.11 11.44
C THR A 79 -20.57 9.89 10.92
N LYS A 80 -20.32 10.93 10.11
CA LYS A 80 -21.34 11.78 9.50
C LYS A 80 -21.18 11.78 7.96
N PRO A 81 -22.26 11.65 7.16
CA PRO A 81 -23.68 11.50 7.55
C PRO A 81 -24.03 10.10 8.06
N GLN A 82 -23.12 9.15 7.82
CA GLN A 82 -23.27 7.74 8.21
C GLN A 82 -21.91 7.17 8.66
N LEU A 83 -21.92 6.10 9.47
CA LEU A 83 -20.71 5.38 9.87
C LEU A 83 -20.23 4.59 8.67
N ALA A 84 -19.02 4.86 8.21
CA ALA A 84 -18.47 4.17 7.05
C ALA A 84 -16.99 3.94 7.15
N ILE A 85 -16.50 2.88 6.50
CA ILE A 85 -15.07 2.59 6.45
C ILE A 85 -14.58 2.90 5.04
N VAL A 86 -13.44 3.58 4.94
CA VAL A 86 -12.86 3.93 3.65
C VAL A 86 -11.55 3.17 3.44
N THR A 87 -11.47 2.42 2.32
CA THR A 87 -10.24 1.69 1.95
C THR A 87 -9.80 2.12 0.56
N GLN A 88 -8.60 1.69 0.14
CA GLN A 88 -8.17 1.92 -1.22
C GLN A 88 -9.11 1.17 -2.18
N TRP A 89 -9.28 1.69 -3.40
CA TRP A 89 -10.02 0.99 -4.43
C TRP A 89 -8.96 0.25 -5.27
N CYS A 90 -9.20 -1.04 -5.54
CA CYS A 90 -8.31 -1.85 -6.36
C CYS A 90 -9.00 -2.25 -7.63
N GLU A 91 -8.37 -1.98 -8.76
CA GLU A 91 -8.80 -2.53 -10.04
C GLU A 91 -8.26 -3.95 -9.98
N GLY A 92 -8.98 -4.89 -10.57
CA GLY A 92 -8.62 -6.31 -10.56
C GLY A 92 -9.80 -7.15 -10.15
N SER A 93 -9.52 -8.37 -9.62
CA SER A 93 -10.55 -9.32 -9.21
C SER A 93 -10.03 -10.18 -8.08
N SER A 94 -10.96 -10.81 -7.32
CA SER A 94 -10.57 -11.69 -6.25
C SER A 94 -9.88 -12.94 -6.83
N LEU A 95 -9.10 -13.65 -6.01
CA LEU A 95 -8.42 -14.86 -6.42
C LEU A 95 -9.45 -15.95 -6.79
N TYR A 96 -10.61 -15.94 -6.10
CA TYR A 96 -11.72 -16.85 -6.33
C TYR A 96 -12.23 -16.62 -7.77
N HIS A 97 -12.52 -15.35 -8.12
CA HIS A 97 -13.01 -14.97 -9.44
C HIS A 97 -12.04 -15.47 -10.51
N HIS A 98 -10.72 -15.21 -10.32
CA HIS A 98 -9.68 -15.66 -11.25
C HIS A 98 -9.64 -17.17 -11.42
N LEU A 99 -9.54 -17.92 -10.32
CA LEU A 99 -9.41 -19.38 -10.38
C LEU A 99 -10.67 -20.12 -10.80
N HIS A 100 -11.83 -19.76 -10.24
CA HIS A 100 -13.07 -20.54 -10.42
C HIS A 100 -14.13 -19.92 -11.31
N ILE A 101 -14.08 -18.62 -11.61
CA ILE A 101 -15.11 -18.06 -12.51
C ILE A 101 -14.53 -17.88 -13.94
N ILE A 102 -13.56 -16.98 -14.10
CA ILE A 102 -12.97 -16.76 -15.44
C ILE A 102 -11.91 -17.80 -15.77
N GLU A 103 -11.45 -18.56 -14.76
CA GLU A 103 -10.49 -19.67 -14.87
C GLU A 103 -9.16 -19.26 -15.54
N THR A 104 -8.52 -18.20 -15.01
CA THR A 104 -7.20 -17.69 -15.41
C THR A 104 -6.17 -18.79 -15.19
N LYS A 105 -5.24 -18.94 -16.13
CA LYS A 105 -4.20 -19.95 -16.04
C LYS A 105 -2.88 -19.24 -15.73
N PHE A 106 -2.56 -19.07 -14.44
CA PHE A 106 -1.31 -18.42 -14.04
C PHE A 106 -0.14 -19.41 -14.21
N GLU A 107 1.07 -18.90 -14.43
CA GLU A 107 2.26 -19.74 -14.50
C GLU A 107 2.62 -20.14 -13.08
N MET A 108 3.26 -21.33 -12.90
CA MET A 108 3.70 -21.83 -11.58
C MET A 108 4.44 -20.76 -10.77
N ILE A 109 5.34 -20.01 -11.44
CA ILE A 109 6.10 -18.92 -10.84
C ILE A 109 5.16 -17.88 -10.19
N LYS A 110 4.04 -17.52 -10.85
CA LYS A 110 3.06 -16.56 -10.34
C LYS A 110 2.19 -17.15 -9.23
N LEU A 111 1.82 -18.44 -9.33
CA LEU A 111 1.04 -19.14 -8.30
C LEU A 111 1.81 -19.12 -6.97
N ILE A 112 3.15 -19.38 -7.04
CA ILE A 112 4.07 -19.37 -5.90
C ILE A 112 4.21 -17.94 -5.39
N ASP A 113 4.24 -16.97 -6.31
CA ASP A 113 4.29 -15.56 -5.93
C ASP A 113 3.03 -15.13 -5.16
N ILE A 114 1.83 -15.55 -5.62
CA ILE A 114 0.55 -15.28 -4.93
C ILE A 114 0.60 -15.95 -3.54
N ALA A 115 1.12 -17.18 -3.46
CA ALA A 115 1.24 -17.93 -2.20
C ALA A 115 2.15 -17.17 -1.23
N ARG A 116 3.32 -16.69 -1.70
CA ARG A 116 4.29 -15.96 -0.90
C ARG A 116 3.69 -14.67 -0.33
N GLN A 117 3.00 -13.91 -1.19
CA GLN A 117 2.35 -12.65 -0.83
C GLN A 117 1.26 -12.83 0.21
N THR A 118 0.43 -13.89 0.08
CA THR A 118 -0.63 -14.22 1.04
C THR A 118 0.00 -14.61 2.38
N ALA A 119 1.07 -15.41 2.36
CA ALA A 119 1.79 -15.83 3.56
C ALA A 119 2.40 -14.61 4.30
N GLN A 120 2.87 -13.57 3.56
CA GLN A 120 3.40 -12.33 4.14
C GLN A 120 2.33 -11.57 4.90
N GLY A 121 1.17 -11.41 4.27
CA GLY A 121 0.04 -10.73 4.86
C GLY A 121 -0.48 -11.44 6.09
N MET A 122 -0.60 -12.77 6.00
CA MET A 122 -1.05 -13.60 7.12
C MET A 122 -0.04 -13.60 8.26
N ASP A 123 1.29 -13.64 7.93
CA ASP A 123 2.39 -13.60 8.91
C ASP A 123 2.31 -12.26 9.65
N TYR A 124 2.00 -11.16 8.91
CA TYR A 124 1.86 -9.82 9.49
C TYR A 124 0.67 -9.75 10.47
N LEU A 125 -0.50 -10.25 10.04
CA LEU A 125 -1.70 -10.24 10.88
C LEU A 125 -1.48 -11.00 12.19
N HIS A 126 -0.87 -12.19 12.10
CA HIS A 126 -0.61 -13.02 13.28
C HIS A 126 0.37 -12.37 14.26
N ALA A 127 1.37 -11.62 13.74
CA ALA A 127 2.34 -10.85 14.54
C ALA A 127 1.64 -9.69 15.29
N LYS A 128 0.56 -9.13 14.73
CA LYS A 128 -0.26 -8.08 15.34
C LYS A 128 -1.42 -8.71 16.16
N SER A 129 -1.33 -10.04 16.47
CA SER A 129 -2.32 -10.86 17.21
C SER A 129 -3.73 -10.84 16.60
N ILE A 130 -3.82 -10.76 15.27
CA ILE A 130 -5.10 -10.75 14.57
C ILE A 130 -5.29 -12.12 13.92
N ILE A 131 -6.35 -12.83 14.33
CA ILE A 131 -6.73 -14.10 13.74
C ILE A 131 -7.81 -13.66 12.73
N HIS A 132 -7.61 -13.95 11.45
CA HIS A 132 -8.56 -13.59 10.39
C HIS A 132 -9.92 -14.26 10.58
N ARG A 133 -9.94 -15.61 10.73
CA ARG A 133 -11.12 -16.49 10.92
C ARG A 133 -11.94 -16.73 9.65
N ASP A 134 -11.63 -16.04 8.56
CA ASP A 134 -12.35 -16.27 7.30
C ASP A 134 -11.43 -16.17 6.07
N LEU A 135 -10.20 -16.70 6.17
CA LEU A 135 -9.31 -16.68 5.02
C LEU A 135 -9.80 -17.66 3.97
N LYS A 136 -9.93 -17.17 2.71
CA LYS A 136 -10.39 -17.94 1.56
C LYS A 136 -10.04 -17.12 0.34
N SER A 137 -10.10 -17.74 -0.84
CA SER A 137 -9.73 -17.10 -2.09
C SER A 137 -10.60 -15.86 -2.44
N ASN A 138 -11.86 -15.83 -1.96
CA ASN A 138 -12.79 -14.70 -2.10
C ASN A 138 -12.27 -13.47 -1.33
N ASN A 139 -11.52 -13.70 -0.23
CA ASN A 139 -10.94 -12.67 0.63
C ASN A 139 -9.49 -12.34 0.25
N ILE A 140 -9.02 -12.82 -0.91
CA ILE A 140 -7.70 -12.48 -1.45
C ILE A 140 -7.96 -11.69 -2.73
N PHE A 141 -7.70 -10.39 -2.71
CA PHE A 141 -7.95 -9.60 -3.92
C PHE A 141 -6.63 -9.47 -4.70
N LEU A 142 -6.70 -9.62 -6.03
CA LEU A 142 -5.51 -9.47 -6.88
C LEU A 142 -5.54 -8.10 -7.55
N HIS A 143 -4.89 -7.13 -6.89
CA HIS A 143 -4.79 -5.73 -7.32
C HIS A 143 -3.95 -5.71 -8.60
N GLU A 144 -4.57 -5.22 -9.70
CA GLU A 144 -4.05 -5.15 -11.08
C GLU A 144 -3.74 -6.58 -11.56
N ASP A 145 -4.45 -7.57 -10.98
CA ASP A 145 -4.31 -9.03 -11.21
C ASP A 145 -2.88 -9.53 -10.84
N LEU A 146 -2.12 -8.74 -10.04
CA LEU A 146 -0.74 -9.04 -9.66
C LEU A 146 -0.45 -9.05 -8.16
N THR A 147 -0.89 -7.99 -7.41
CA THR A 147 -0.57 -7.87 -5.97
C THR A 147 -1.71 -8.34 -5.08
N VAL A 148 -1.36 -9.20 -4.13
CA VAL A 148 -2.30 -9.73 -3.13
C VAL A 148 -2.68 -8.65 -2.13
N LYS A 149 -3.98 -8.49 -1.91
CA LYS A 149 -4.53 -7.60 -0.90
C LYS A 149 -5.45 -8.47 -0.08
N ILE A 150 -5.03 -8.84 1.14
CA ILE A 150 -5.89 -9.62 2.03
C ILE A 150 -6.92 -8.67 2.60
N GLY A 151 -8.18 -9.08 2.53
CA GLY A 151 -9.29 -8.33 3.12
C GLY A 151 -10.29 -9.29 3.73
N ASP A 152 -11.45 -8.78 4.11
CA ASP A 152 -12.59 -9.55 4.57
C ASP A 152 -13.76 -8.81 3.95
N PHE A 153 -14.32 -9.42 2.90
CA PHE A 153 -15.31 -8.78 2.05
C PHE A 153 -16.75 -9.16 2.32
N GLY A 154 -16.99 -9.93 3.37
CA GLY A 154 -18.34 -10.28 3.79
C GLY A 154 -19.08 -9.06 4.28
N LEU A 155 -20.40 -9.01 3.99
CA LEU A 155 -21.24 -7.87 4.36
C LEU A 155 -22.43 -8.29 5.27
N ALA A 156 -22.42 -9.55 5.73
CA ALA A 156 -23.47 -10.12 6.58
C ALA A 156 -23.21 -9.86 8.06
N THR A 157 -24.28 -9.81 8.85
CA THR A 157 -24.22 -9.60 10.29
C THR A 157 -23.53 -10.80 10.95
N VAL A 158 -22.50 -10.53 11.75
CA VAL A 158 -21.73 -11.55 12.47
C VAL A 158 -21.59 -11.15 13.93
N LYS A 159 -22.14 -11.98 14.84
CA LYS A 159 -22.03 -11.75 16.28
C LYS A 159 -20.55 -11.93 16.67
N SER A 160 -19.91 -10.83 17.15
CA SER A 160 -18.51 -10.76 17.58
C SER A 160 -17.51 -11.21 16.48
N ARG A 161 -17.47 -10.45 15.38
CA ARG A 161 -16.62 -10.69 14.22
C ARG A 161 -15.14 -10.36 14.53
N TRP A 162 -14.90 -9.16 15.08
CA TRP A 162 -13.56 -8.66 15.44
C TRP A 162 -13.46 -8.39 16.95
N SER A 163 -13.92 -9.37 17.75
CA SER A 163 -13.90 -9.32 19.22
C SER A 163 -12.98 -10.41 19.77
N PHE A 168 -14.44 -15.88 18.16
CA PHE A 168 -15.37 -16.11 19.27
C PHE A 168 -16.44 -17.15 18.95
N GLU A 169 -17.31 -16.86 17.96
CA GLU A 169 -18.38 -17.76 17.52
C GLU A 169 -18.10 -18.31 16.12
N GLN A 170 -18.73 -19.44 15.72
CA GLN A 170 -18.50 -20.04 14.40
C GLN A 170 -19.06 -19.21 13.24
N LEU A 171 -18.23 -19.08 12.17
CA LEU A 171 -18.55 -18.39 10.92
C LEU A 171 -18.97 -19.45 9.88
N SER A 172 -19.96 -19.10 9.02
CA SER A 172 -20.54 -20.00 8.02
C SER A 172 -20.28 -19.54 6.57
N GLY A 173 -20.63 -20.41 5.60
CA GLY A 173 -20.48 -20.16 4.17
C GLY A 173 -19.07 -20.24 3.62
N SER A 174 -18.14 -20.74 4.44
CA SER A 174 -16.73 -20.85 4.12
C SER A 174 -16.24 -22.22 4.59
N ILE A 175 -17.16 -23.22 4.56
CA ILE A 175 -16.90 -24.56 5.05
C ILE A 175 -15.69 -25.25 4.37
N LEU A 176 -15.44 -25.00 3.05
CA LEU A 176 -14.32 -25.67 2.36
C LEU A 176 -12.94 -25.31 2.95
N TRP A 177 -12.85 -24.12 3.60
CA TRP A 177 -11.65 -23.59 4.24
C TRP A 177 -11.63 -23.83 5.77
N MET A 178 -12.66 -24.53 6.30
CA MET A 178 -12.79 -24.79 7.74
C MET A 178 -12.00 -25.98 8.24
N ALA A 179 -11.07 -25.74 9.18
CA ALA A 179 -10.28 -26.76 9.86
C ALA A 179 -11.21 -27.76 10.55
N PRO A 180 -10.81 -29.06 10.67
CA PRO A 180 -11.68 -30.02 11.36
C PRO A 180 -12.21 -29.58 12.74
N GLU A 181 -11.34 -28.97 13.59
CA GLU A 181 -11.71 -28.49 14.93
C GLU A 181 -12.68 -27.28 14.90
N VAL A 182 -12.69 -26.51 13.79
CA VAL A 182 -13.62 -25.40 13.58
C VAL A 182 -15.00 -25.98 13.20
N ILE A 183 -15.05 -27.08 12.40
CA ILE A 183 -16.30 -27.76 12.08
C ILE A 183 -16.92 -28.33 13.38
N ARG A 184 -16.11 -29.03 14.21
CA ARG A 184 -16.54 -29.67 15.45
C ARG A 184 -17.01 -28.71 16.54
N MET A 185 -16.25 -27.61 16.79
CA MET A 185 -16.53 -26.61 17.82
C MET A 185 -16.53 -27.23 19.24
N GLN A 186 -15.58 -28.15 19.47
CA GLN A 186 -15.46 -28.88 20.74
C GLN A 186 -14.32 -28.41 21.65
N ASP A 187 -13.31 -27.73 21.08
CA ASP A 187 -12.18 -27.20 21.83
C ASP A 187 -12.61 -25.95 22.60
N LYS A 188 -11.88 -25.60 23.69
CA LYS A 188 -12.14 -24.41 24.49
C LYS A 188 -12.03 -23.15 23.62
N ASN A 189 -11.02 -23.11 22.72
CA ASN A 189 -10.78 -22.02 21.76
C ASN A 189 -10.62 -22.61 20.33
N PRO A 190 -11.73 -22.76 19.55
CA PRO A 190 -11.63 -23.43 18.23
C PRO A 190 -10.88 -22.64 17.14
N TYR A 191 -11.00 -21.31 17.14
CA TYR A 191 -10.27 -20.45 16.18
C TYR A 191 -8.90 -20.14 16.76
N SER A 192 -7.85 -20.31 15.95
CA SER A 192 -6.46 -20.06 16.39
C SER A 192 -5.62 -19.68 15.18
N PHE A 193 -4.31 -19.38 15.36
CA PHE A 193 -3.42 -19.10 14.23
C PHE A 193 -3.43 -20.35 13.29
N GLN A 194 -3.47 -21.56 13.90
CA GLN A 194 -3.49 -22.86 13.24
C GLN A 194 -4.74 -23.09 12.38
N SER A 195 -5.92 -22.58 12.80
CA SER A 195 -7.13 -22.70 11.97
C SER A 195 -6.98 -21.81 10.72
N ASP A 196 -6.31 -20.63 10.86
CA ASP A 196 -5.98 -19.73 9.73
C ASP A 196 -4.99 -20.42 8.76
N VAL A 197 -4.03 -21.16 9.31
CA VAL A 197 -3.04 -21.94 8.54
C VAL A 197 -3.78 -23.03 7.74
N TYR A 198 -4.77 -23.71 8.35
CA TYR A 198 -5.52 -24.73 7.61
C TYR A 198 -6.23 -24.07 6.40
N ALA A 199 -6.88 -22.90 6.61
CA ALA A 199 -7.57 -22.14 5.54
C ALA A 199 -6.58 -21.81 4.44
N PHE A 200 -5.36 -21.40 4.83
CA PHE A 200 -4.25 -21.08 3.93
C PHE A 200 -3.85 -22.32 3.11
N GLY A 201 -3.87 -23.49 3.75
CA GLY A 201 -3.59 -24.78 3.10
C GLY A 201 -4.60 -25.05 2.00
N ILE A 202 -5.88 -24.67 2.21
CA ILE A 202 -6.93 -24.82 1.19
C ILE A 202 -6.68 -23.83 0.03
N VAL A 203 -6.25 -22.58 0.35
CA VAL A 203 -5.92 -21.58 -0.67
C VAL A 203 -4.79 -22.14 -1.57
N LEU A 204 -3.74 -22.75 -0.94
CA LEU A 204 -2.63 -23.37 -1.68
C LEU A 204 -3.16 -24.46 -2.60
N TYR A 205 -4.14 -25.27 -2.13
CA TYR A 205 -4.79 -26.31 -2.94
C TYR A 205 -5.46 -25.66 -4.15
N GLU A 206 -6.20 -24.54 -3.92
CA GLU A 206 -6.87 -23.84 -5.02
C GLU A 206 -5.85 -23.37 -6.04
N LEU A 207 -4.71 -22.80 -5.60
CA LEU A 207 -3.64 -22.32 -6.50
C LEU A 207 -2.99 -23.47 -7.30
N MET A 208 -2.53 -24.53 -6.61
CA MET A 208 -1.81 -25.65 -7.21
C MET A 208 -2.69 -26.63 -8.03
N THR A 209 -4.03 -26.61 -7.87
CA THR A 209 -4.92 -27.50 -8.65
C THR A 209 -5.82 -26.71 -9.63
N GLY A 210 -6.09 -25.45 -9.28
CA GLY A 210 -7.01 -24.57 -9.99
C GLY A 210 -8.46 -24.89 -9.65
N GLN A 211 -8.68 -25.68 -8.59
CA GLN A 211 -10.00 -26.19 -8.21
C GLN A 211 -10.34 -26.06 -6.74
N LEU A 212 -11.63 -26.19 -6.43
CA LEU A 212 -12.12 -26.23 -5.06
C LEU A 212 -11.96 -27.66 -4.55
N PRO A 213 -11.58 -27.90 -3.27
CA PRO A 213 -11.45 -29.30 -2.81
C PRO A 213 -12.78 -30.04 -2.83
N TYR A 214 -12.73 -31.38 -2.90
CA TYR A 214 -13.92 -32.26 -2.86
C TYR A 214 -14.89 -32.03 -4.00
N SER A 215 -14.36 -31.72 -5.20
CA SER A 215 -15.16 -31.47 -6.41
C SER A 215 -16.06 -32.67 -6.79
N ASN A 216 -15.67 -33.90 -6.38
CA ASN A 216 -16.39 -35.14 -6.70
C ASN A 216 -17.45 -35.59 -5.65
N ILE A 217 -17.74 -34.75 -4.63
CA ILE A 217 -18.78 -34.98 -3.62
C ILE A 217 -19.81 -33.87 -3.85
N ASN A 218 -21.04 -34.23 -4.21
CA ASN A 218 -22.11 -33.26 -4.52
C ASN A 218 -23.00 -32.85 -3.32
N ASN A 219 -22.64 -33.31 -2.11
CA ASN A 219 -23.41 -33.07 -0.90
C ASN A 219 -22.57 -32.34 0.11
N ARG A 220 -22.94 -31.09 0.37
CA ARG A 220 -22.29 -30.16 1.27
C ARG A 220 -22.35 -30.64 2.73
N ASP A 221 -23.50 -31.17 3.15
CA ASP A 221 -23.69 -31.70 4.50
C ASP A 221 -22.76 -32.88 4.77
N GLN A 222 -22.57 -33.74 3.75
CA GLN A 222 -21.63 -34.86 3.82
C GLN A 222 -20.18 -34.39 3.93
N ILE A 223 -19.80 -33.31 3.21
CA ILE A 223 -18.44 -32.73 3.29
C ILE A 223 -18.16 -32.24 4.73
N ILE A 224 -19.11 -31.48 5.31
CA ILE A 224 -19.02 -30.94 6.70
C ILE A 224 -18.79 -32.07 7.69
N PHE A 225 -19.68 -33.09 7.64
CA PHE A 225 -19.65 -34.27 8.49
C PHE A 225 -18.30 -34.99 8.44
N MET A 226 -17.82 -35.26 7.21
CA MET A 226 -16.59 -36.00 6.95
C MET A 226 -15.30 -35.27 7.37
N VAL A 227 -15.19 -33.95 7.10
CA VAL A 227 -14.03 -33.15 7.50
C VAL A 227 -13.94 -33.14 9.04
N GLY A 228 -15.07 -32.84 9.69
CA GLY A 228 -15.19 -32.83 11.15
C GLY A 228 -14.83 -34.16 11.78
N ARG A 229 -15.19 -35.28 11.15
CA ARG A 229 -14.88 -36.63 11.66
C ARG A 229 -13.43 -37.02 11.32
N GLY A 230 -12.81 -36.27 10.43
CA GLY A 230 -11.44 -36.53 10.01
C GLY A 230 -11.33 -37.62 8.95
N TYR A 231 -12.45 -37.92 8.24
CA TYR A 231 -12.51 -38.94 7.17
C TYR A 231 -12.09 -38.41 5.80
N LEU A 232 -12.11 -37.10 5.63
CA LEU A 232 -11.88 -36.49 4.33
C LEU A 232 -10.84 -35.41 4.41
N SER A 233 -9.93 -35.40 3.44
CA SER A 233 -8.88 -34.40 3.32
C SER A 233 -8.69 -34.09 1.84
N PRO A 234 -8.17 -32.90 1.44
CA PRO A 234 -8.03 -32.60 0.01
C PRO A 234 -7.10 -33.56 -0.71
N ASP A 235 -7.41 -33.84 -1.99
CA ASP A 235 -6.63 -34.77 -2.82
C ASP A 235 -5.40 -34.04 -3.45
N LEU A 236 -4.22 -34.25 -2.85
CA LEU A 236 -2.97 -33.59 -3.26
C LEU A 236 -2.38 -34.12 -4.57
N SER A 237 -2.86 -35.25 -5.09
CA SER A 237 -2.37 -35.77 -6.37
C SER A 237 -2.89 -34.92 -7.56
N LYS A 238 -3.87 -34.05 -7.27
CA LYS A 238 -4.48 -33.15 -8.25
C LYS A 238 -3.63 -31.93 -8.54
N VAL A 239 -2.54 -31.72 -7.77
CA VAL A 239 -1.61 -30.58 -7.98
C VAL A 239 -0.98 -30.68 -9.36
N ARG A 240 -0.73 -29.51 -9.98
CA ARG A 240 -0.14 -29.41 -11.30
C ARG A 240 1.21 -30.12 -11.34
N SER A 241 1.53 -30.77 -12.48
CA SER A 241 2.76 -31.56 -12.71
C SER A 241 4.05 -30.84 -12.30
N ASN A 242 4.13 -29.53 -12.53
CA ASN A 242 5.32 -28.73 -12.20
C ASN A 242 5.24 -28.04 -10.82
N CYS A 243 4.31 -28.45 -9.93
CA CYS A 243 4.22 -27.92 -8.57
C CYS A 243 5.44 -28.45 -7.80
N PRO A 244 6.32 -27.58 -7.23
CA PRO A 244 7.50 -28.11 -6.50
C PRO A 244 7.13 -29.05 -5.36
N LYS A 245 7.95 -30.11 -5.13
CA LYS A 245 7.74 -31.13 -4.08
C LYS A 245 7.65 -30.48 -2.70
N ALA A 246 8.50 -29.47 -2.44
CA ALA A 246 8.53 -28.68 -1.21
C ALA A 246 7.19 -27.96 -0.98
N MET A 247 6.49 -27.58 -2.07
CA MET A 247 5.18 -26.94 -2.01
C MET A 247 4.11 -27.97 -1.59
N LYS A 248 4.10 -29.14 -2.24
CA LYS A 248 3.20 -30.24 -1.94
C LYS A 248 3.37 -30.69 -0.47
N ARG A 249 4.64 -30.71 0.02
CA ARG A 249 5.01 -31.04 1.40
C ARG A 249 4.43 -29.99 2.37
N LEU A 250 4.61 -28.67 2.05
CA LEU A 250 4.09 -27.55 2.84
C LEU A 250 2.56 -27.62 2.95
N MET A 251 1.88 -27.90 1.82
N MET A 251 1.87 -27.89 1.83
CA MET A 251 0.42 -28.02 1.73
CA MET A 251 0.42 -28.00 1.77
C MET A 251 -0.10 -29.08 2.71
C MET A 251 -0.10 -29.08 2.71
N ALA A 252 0.55 -30.26 2.73
CA ALA A 252 0.19 -31.38 3.61
C ALA A 252 0.35 -31.01 5.09
N GLU A 253 1.40 -30.22 5.42
CA GLU A 253 1.67 -29.77 6.80
C GLU A 253 0.60 -28.77 7.25
N CYS A 254 0.24 -27.81 6.37
CA CYS A 254 -0.81 -26.80 6.62
C CYS A 254 -2.17 -27.47 6.79
N LEU A 255 -2.40 -28.57 6.05
CA LEU A 255 -3.68 -29.28 6.06
C LEU A 255 -3.79 -30.38 7.10
N LYS A 256 -2.82 -30.50 8.01
CA LYS A 256 -2.85 -31.54 9.04
C LYS A 256 -4.17 -31.50 9.85
N LYS A 257 -4.75 -32.67 10.11
CA LYS A 257 -6.01 -32.76 10.84
C LYS A 257 -5.88 -32.29 12.31
N LYS A 258 -4.72 -32.55 12.94
CA LYS A 258 -4.43 -32.15 14.33
C LYS A 258 -3.77 -30.77 14.27
N ARG A 259 -4.41 -29.76 14.89
CA ARG A 259 -3.93 -28.37 14.81
C ARG A 259 -2.50 -28.18 15.30
N ASP A 260 -2.08 -28.93 16.34
CA ASP A 260 -0.73 -28.87 16.92
C ASP A 260 0.37 -29.25 15.91
N GLU A 261 0.01 -30.05 14.89
CA GLU A 261 0.94 -30.53 13.86
C GLU A 261 1.14 -29.54 12.71
N ARG A 262 0.32 -28.48 12.68
CA ARG A 262 0.40 -27.45 11.66
C ARG A 262 1.51 -26.45 11.94
N PRO A 263 2.27 -26.04 10.91
CA PRO A 263 3.30 -25.00 11.14
C PRO A 263 2.66 -23.60 11.20
N LEU A 264 3.38 -22.63 11.79
CA LEU A 264 2.92 -21.25 11.89
C LEU A 264 3.48 -20.40 10.73
N PHE A 265 2.92 -19.22 10.47
CA PHE A 265 3.32 -18.38 9.33
C PHE A 265 4.82 -17.99 9.25
N PRO A 266 5.63 -17.77 10.34
CA PRO A 266 7.07 -17.54 10.11
C PRO A 266 7.75 -18.70 9.36
N GLN A 267 7.40 -19.97 9.71
CA GLN A 267 7.91 -21.20 9.08
C GLN A 267 7.37 -21.30 7.64
N ILE A 268 6.04 -21.12 7.47
CA ILE A 268 5.37 -21.15 6.17
C ILE A 268 6.04 -20.15 5.19
N LEU A 269 6.18 -18.88 5.61
CA LEU A 269 6.81 -17.84 4.80
C LEU A 269 8.25 -18.18 4.44
N ALA A 270 9.05 -18.70 5.41
CA ALA A 270 10.45 -19.11 5.19
C ALA A 270 10.53 -20.26 4.19
N SER A 271 9.59 -21.21 4.27
CA SER A 271 9.51 -22.34 3.35
C SER A 271 9.16 -21.91 1.92
N ILE A 272 8.21 -20.94 1.75
CA ILE A 272 7.87 -20.44 0.41
C ILE A 272 9.03 -19.62 -0.19
N GLU A 273 9.65 -18.72 0.61
CA GLU A 273 10.81 -17.89 0.21
C GLU A 273 11.95 -18.77 -0.34
N LEU A 274 12.23 -19.87 0.35
CA LEU A 274 13.24 -20.87 0.00
C LEU A 274 12.89 -21.65 -1.29
N LEU A 275 11.62 -22.11 -1.46
CA LEU A 275 11.26 -22.87 -2.66
C LEU A 275 11.11 -21.98 -3.91
N ALA A 276 10.83 -20.67 -3.71
CA ALA A 276 10.70 -19.70 -4.81
C ALA A 276 12.08 -19.38 -5.42
N ARG A 277 13.16 -19.50 -4.62
CA ARG A 277 14.55 -19.27 -5.00
C ARG A 277 15.07 -20.38 -5.92
N SER A 278 14.66 -21.64 -5.67
CA SER A 278 15.10 -22.85 -6.36
C SER A 278 14.54 -23.04 -7.78
N LEU A 279 13.41 -22.39 -8.13
CA LEU A 279 12.77 -22.47 -9.46
C LEU A 279 13.72 -22.04 -10.57
N ASP B 7 0.00 0.92 18.25
CA ASP B 7 1.44 1.04 18.36
C ASP B 7 2.23 0.58 17.11
N TRP B 8 3.13 1.45 16.61
CA TRP B 8 3.98 1.19 15.46
C TRP B 8 5.42 0.86 15.83
N GLU B 9 5.73 0.74 17.13
CA GLU B 9 7.09 0.39 17.53
C GLU B 9 7.40 -1.05 17.21
N ILE B 10 8.49 -1.29 16.47
CA ILE B 10 8.86 -2.67 16.16
C ILE B 10 9.90 -3.15 17.18
N PRO B 11 9.62 -4.22 17.96
CA PRO B 11 10.62 -4.69 18.94
C PRO B 11 11.91 -5.14 18.26
N ASP B 12 13.05 -4.82 18.91
CA ASP B 12 14.40 -5.20 18.51
C ASP B 12 14.50 -6.73 18.33
N GLY B 13 15.15 -7.16 17.26
CA GLY B 13 15.32 -8.56 16.92
C GLY B 13 14.45 -9.02 15.76
N GLN B 14 13.26 -8.39 15.59
CA GLN B 14 12.28 -8.75 14.56
C GLN B 14 12.73 -8.42 13.14
N ILE B 15 13.50 -7.37 12.94
CA ILE B 15 13.95 -7.04 11.60
C ILE B 15 15.31 -7.69 11.31
N THR B 16 15.40 -8.42 10.19
CA THR B 16 16.64 -9.01 9.72
C THR B 16 17.18 -7.98 8.72
N VAL B 17 18.17 -7.19 9.16
CA VAL B 17 18.78 -6.13 8.36
C VAL B 17 19.68 -6.76 7.28
N GLY B 18 19.45 -6.40 6.03
CA GLY B 18 20.20 -6.93 4.91
C GLY B 18 21.15 -5.92 4.29
N GLN B 19 21.20 -5.88 2.95
CA GLN B 19 22.08 -5.03 2.16
C GLN B 19 21.89 -3.51 2.35
N ARG B 20 23.00 -2.77 2.57
N ARG B 20 22.99 -2.78 2.57
CA ARG B 20 23.03 -1.32 2.70
CA ARG B 20 23.01 -1.32 2.72
C ARG B 20 22.75 -0.76 1.31
C ARG B 20 22.76 -0.73 1.32
N ILE B 21 21.76 0.14 1.23
CA ILE B 21 21.30 0.75 -0.04
C ILE B 21 21.84 2.17 -0.21
N GLY B 22 21.86 2.95 0.86
CA GLY B 22 22.35 4.32 0.83
C GLY B 22 22.90 4.80 2.15
N SER B 23 23.95 5.64 2.08
CA SER B 23 24.60 6.25 3.23
C SER B 23 24.49 7.77 3.19
N GLY B 24 24.23 8.35 4.35
CA GLY B 24 24.13 9.78 4.49
C GLY B 24 24.66 10.24 5.83
N SER B 25 24.77 11.56 6.00
CA SER B 25 25.29 12.16 7.21
C SER B 25 24.41 11.91 8.44
N PHE B 26 23.08 11.81 8.27
CA PHE B 26 22.20 11.57 9.41
C PHE B 26 21.66 10.14 9.48
N GLY B 27 21.37 9.54 8.32
CA GLY B 27 20.84 8.17 8.24
C GLY B 27 21.55 7.23 7.29
N THR B 28 21.21 5.93 7.39
CA THR B 28 21.73 4.85 6.55
C THR B 28 20.54 3.95 6.19
N VAL B 29 20.31 3.70 4.91
CA VAL B 29 19.16 2.91 4.44
C VAL B 29 19.60 1.50 4.07
N TYR B 30 18.82 0.51 4.53
CA TYR B 30 19.05 -0.90 4.27
C TYR B 30 17.80 -1.54 3.73
N LYS B 31 17.97 -2.64 3.00
CA LYS B 31 16.88 -3.52 2.61
C LYS B 31 16.84 -4.46 3.82
N GLY B 32 15.64 -4.81 4.28
CA GLY B 32 15.46 -5.69 5.42
C GLY B 32 14.34 -6.69 5.24
N LYS B 33 14.20 -7.59 6.20
CA LYS B 33 13.14 -8.62 6.22
C LYS B 33 12.31 -8.46 7.47
N TRP B 34 11.01 -8.20 7.27
CA TRP B 34 10.03 -8.07 8.33
C TRP B 34 8.67 -8.31 7.71
N HIS B 35 8.21 -9.58 7.76
CA HIS B 35 6.93 -10.06 7.17
C HIS B 35 6.93 -9.77 5.65
N GLY B 36 8.08 -10.05 5.04
CA GLY B 36 8.40 -9.76 3.65
C GLY B 36 9.50 -8.70 3.58
N ASP B 37 9.68 -8.05 2.43
CA ASP B 37 10.71 -7.01 2.27
C ASP B 37 10.31 -5.66 2.84
N VAL B 38 11.25 -5.02 3.54
CA VAL B 38 11.08 -3.67 4.14
C VAL B 38 12.30 -2.80 3.85
N ALA B 39 12.14 -1.47 3.98
CA ALA B 39 13.22 -0.49 3.88
C ALA B 39 13.42 0.02 5.28
N VAL B 40 14.68 0.04 5.73
CA VAL B 40 15.02 0.44 7.10
C VAL B 40 16.00 1.59 7.06
N LYS B 41 15.62 2.75 7.61
CA LYS B 41 16.49 3.89 7.71
C LYS B 41 16.92 3.98 9.15
N MET B 42 18.19 3.68 9.40
CA MET B 42 18.81 3.69 10.71
C MET B 42 19.55 5.01 10.90
N LEU B 43 19.34 5.67 12.05
CA LEU B 43 19.97 6.95 12.36
C LEU B 43 21.34 6.69 12.97
N ASN B 44 22.38 7.30 12.38
CA ASN B 44 23.81 7.11 12.69
C ASN B 44 24.24 7.34 14.12
N VAL B 45 23.74 8.41 14.77
CA VAL B 45 24.12 8.84 16.12
C VAL B 45 23.72 7.79 17.21
N THR B 46 24.71 7.44 18.04
CA THR B 46 24.64 6.48 19.16
C THR B 46 24.03 7.11 20.43
N ALA B 47 24.13 8.44 20.54
CA ALA B 47 23.61 9.19 21.68
C ALA B 47 22.93 10.42 21.09
N PRO B 48 21.68 10.29 20.56
CA PRO B 48 21.03 11.45 19.94
C PRO B 48 20.82 12.61 20.89
N THR B 49 20.99 13.83 20.36
CA THR B 49 20.76 15.06 21.13
C THR B 49 19.23 15.18 21.30
N PRO B 50 18.69 15.90 22.31
CA PRO B 50 17.23 16.08 22.39
C PRO B 50 16.65 16.59 21.05
N GLN B 51 17.49 17.27 20.24
CA GLN B 51 17.14 17.82 18.94
C GLN B 51 17.01 16.74 17.86
N GLN B 52 17.96 15.78 17.82
CA GLN B 52 17.91 14.67 16.86
C GLN B 52 16.73 13.72 17.16
N LEU B 53 16.42 13.51 18.46
CA LEU B 53 15.32 12.68 18.93
C LEU B 53 13.97 13.32 18.57
N GLN B 54 13.88 14.67 18.70
CA GLN B 54 12.65 15.41 18.37
C GLN B 54 12.41 15.34 16.87
N ALA B 55 13.46 15.57 16.05
CA ALA B 55 13.35 15.48 14.58
C ALA B 55 12.91 14.06 14.15
N PHE B 56 13.46 13.00 14.79
CA PHE B 56 13.06 11.60 14.53
C PHE B 56 11.57 11.42 14.82
N LYS B 57 11.12 11.90 16.00
CA LYS B 57 9.72 11.83 16.40
C LYS B 57 8.80 12.64 15.46
N ASN B 58 9.27 13.82 14.98
CA ASN B 58 8.49 14.63 14.04
C ASN B 58 8.31 13.92 12.70
N GLU B 59 9.35 13.21 12.22
CA GLU B 59 9.31 12.45 10.97
C GLU B 59 8.31 11.30 11.08
N VAL B 60 8.34 10.56 12.20
CA VAL B 60 7.41 9.45 12.46
C VAL B 60 5.97 10.00 12.59
N GLY B 61 5.81 11.13 13.28
CA GLY B 61 4.54 11.82 13.46
C GLY B 61 3.86 12.20 12.16
N VAL B 62 4.64 12.67 11.16
CA VAL B 62 4.12 13.02 9.82
C VAL B 62 3.71 11.75 9.07
N LEU B 63 4.61 10.76 9.05
CA LEU B 63 4.44 9.50 8.34
C LEU B 63 3.23 8.72 8.83
N ARG B 64 3.02 8.65 10.17
CA ARG B 64 1.89 7.91 10.75
C ARG B 64 0.51 8.55 10.40
N LYS B 65 0.47 9.80 9.90
CA LYS B 65 -0.78 10.46 9.48
C LYS B 65 -1.07 10.14 8.01
N THR B 66 -0.24 9.33 7.32
CA THR B 66 -0.44 9.06 5.89
C THR B 66 -0.83 7.61 5.58
N ARG B 67 -1.94 7.45 4.83
CA ARG B 67 -2.49 6.20 4.31
C ARG B 67 -3.07 6.52 2.92
N HIS B 68 -2.20 6.43 1.91
CA HIS B 68 -2.54 6.70 0.52
C HIS B 68 -1.59 5.95 -0.38
N VAL B 69 -2.12 5.42 -1.51
CA VAL B 69 -1.33 4.62 -2.47
C VAL B 69 -0.20 5.40 -3.12
N ASN B 70 -0.27 6.74 -3.14
CA ASN B 70 0.78 7.53 -3.76
C ASN B 70 1.77 8.13 -2.76
N ILE B 71 1.68 7.69 -1.49
CA ILE B 71 2.62 8.08 -0.44
C ILE B 71 3.32 6.78 -0.01
N LEU B 72 4.67 6.82 0.09
CA LEU B 72 5.43 5.67 0.57
C LEU B 72 4.83 5.18 1.89
N LEU B 73 4.55 3.88 1.97
CA LEU B 73 3.93 3.28 3.14
C LEU B 73 4.87 3.15 4.33
N PHE B 74 4.60 3.93 5.38
CA PHE B 74 5.24 3.84 6.70
C PHE B 74 4.70 2.53 7.32
N MET B 75 5.56 1.78 7.96
CA MET B 75 5.15 0.51 8.56
C MET B 75 5.48 0.44 10.05
N GLY B 76 6.51 1.17 10.48
CA GLY B 76 6.93 1.13 11.88
C GLY B 76 8.21 1.87 12.17
N TYR B 77 8.67 1.82 13.43
CA TYR B 77 9.88 2.49 13.86
C TYR B 77 10.53 1.76 15.02
N SER B 78 11.81 2.08 15.30
CA SER B 78 12.58 1.53 16.42
C SER B 78 13.20 2.68 17.17
N THR B 79 13.42 2.49 18.47
CA THR B 79 14.11 3.50 19.30
C THR B 79 15.35 2.90 19.97
N LYS B 80 15.30 1.60 20.31
CA LYS B 80 16.39 0.92 21.02
C LYS B 80 16.81 -0.42 20.39
N PRO B 81 18.13 -0.66 20.21
CA PRO B 81 19.27 0.19 20.59
C PRO B 81 19.57 1.36 19.65
N GLN B 82 18.83 1.48 18.55
CA GLN B 82 19.05 2.58 17.60
C GLN B 82 17.73 3.10 17.09
N LEU B 83 17.68 4.39 16.73
CA LEU B 83 16.52 5.01 16.11
C LEU B 83 16.51 4.56 14.64
N ALA B 84 15.35 4.09 14.18
CA ALA B 84 15.16 3.56 12.83
C ALA B 84 13.71 3.72 12.41
N ILE B 85 13.47 3.99 11.13
CA ILE B 85 12.15 4.12 10.51
C ILE B 85 12.03 2.98 9.47
N VAL B 86 10.87 2.31 9.45
CA VAL B 86 10.61 1.17 8.57
C VAL B 86 9.48 1.50 7.61
N THR B 87 9.72 1.26 6.33
CA THR B 87 8.71 1.51 5.31
C THR B 87 8.62 0.30 4.41
N GLN B 88 7.62 0.27 3.53
CA GLN B 88 7.54 -0.80 2.51
C GLN B 88 8.81 -0.73 1.64
N TRP B 89 9.19 -1.88 1.07
CA TRP B 89 10.32 -1.94 0.14
C TRP B 89 9.71 -1.90 -1.27
N CYS B 90 10.23 -1.04 -2.14
CA CYS B 90 9.75 -0.91 -3.51
C CYS B 90 10.81 -1.32 -4.50
N GLU B 91 10.49 -2.32 -5.34
CA GLU B 91 11.34 -2.68 -6.48
C GLU B 91 11.13 -1.56 -7.49
N GLY B 92 12.19 -1.13 -8.15
CA GLY B 92 12.12 -0.03 -9.11
C GLY B 92 13.15 1.04 -8.83
N SER B 93 12.90 2.27 -9.30
CA SER B 93 13.86 3.37 -9.15
C SER B 93 13.14 4.68 -9.00
N SER B 94 13.86 5.72 -8.58
CA SER B 94 13.27 7.06 -8.47
C SER B 94 13.02 7.60 -9.89
N LEU B 95 12.13 8.61 -10.02
CA LEU B 95 11.84 9.23 -11.31
C LEU B 95 13.10 9.91 -11.86
N TYR B 96 13.92 10.51 -10.95
CA TYR B 96 15.18 11.19 -11.27
C TYR B 96 16.10 10.18 -11.93
N HIS B 97 16.23 8.99 -11.31
CA HIS B 97 17.06 7.90 -11.82
C HIS B 97 16.62 7.51 -13.24
N HIS B 98 15.30 7.36 -13.45
CA HIS B 98 14.74 6.98 -14.75
C HIS B 98 14.98 8.04 -15.82
N LEU B 99 14.71 9.30 -15.49
CA LEU B 99 14.83 10.37 -16.46
C LEU B 99 16.26 10.77 -16.81
N HIS B 100 17.12 10.98 -15.78
CA HIS B 100 18.46 11.56 -15.96
C HIS B 100 19.64 10.62 -15.81
N ILE B 101 19.46 9.40 -15.29
CA ILE B 101 20.59 8.47 -15.16
C ILE B 101 20.52 7.39 -16.26
N ILE B 102 19.46 6.59 -16.24
CA ILE B 102 19.30 5.50 -17.19
C ILE B 102 18.46 5.92 -18.41
N GLU B 103 17.96 7.17 -18.40
CA GLU B 103 17.20 7.81 -19.49
C GLU B 103 16.08 6.92 -20.10
N THR B 104 15.21 6.36 -19.25
CA THR B 104 14.05 5.56 -19.61
C THR B 104 13.14 6.47 -20.44
N LYS B 105 12.70 5.99 -21.60
CA LYS B 105 11.85 6.79 -22.45
C LYS B 105 10.40 6.32 -22.33
N PHE B 106 9.64 7.00 -21.47
CA PHE B 106 8.23 6.74 -21.22
C PHE B 106 7.39 7.33 -22.34
N GLU B 107 6.28 6.68 -22.68
CA GLU B 107 5.32 7.18 -23.65
C GLU B 107 4.55 8.33 -23.00
N MET B 108 4.05 9.30 -23.79
CA MET B 108 3.30 10.47 -23.31
C MET B 108 2.18 10.10 -22.34
N ILE B 109 1.39 9.03 -22.65
CA ILE B 109 0.33 8.52 -21.78
C ILE B 109 0.88 8.17 -20.36
N LYS B 110 2.07 7.54 -20.30
CA LYS B 110 2.70 7.19 -19.05
C LYS B 110 3.22 8.43 -18.30
N LEU B 111 3.84 9.40 -19.02
CA LEU B 111 4.35 10.64 -18.43
C LEU B 111 3.23 11.42 -17.75
N ILE B 112 2.05 11.49 -18.40
CA ILE B 112 0.87 12.17 -17.90
C ILE B 112 0.33 11.42 -16.69
N ASP B 113 0.36 10.07 -16.75
CA ASP B 113 -0.07 9.24 -15.65
C ASP B 113 0.82 9.43 -14.42
N ILE B 114 2.15 9.60 -14.63
CA ILE B 114 3.12 9.86 -13.54
C ILE B 114 2.76 11.21 -12.88
N ALA B 115 2.52 12.27 -13.72
CA ALA B 115 2.10 13.61 -13.27
C ALA B 115 0.79 13.55 -12.45
N ARG B 116 -0.21 12.76 -12.93
CA ARG B 116 -1.51 12.61 -12.26
C ARG B 116 -1.36 11.95 -10.89
N GLN B 117 -0.61 10.84 -10.82
CA GLN B 117 -0.34 10.13 -9.57
C GLN B 117 0.44 11.00 -8.57
N THR B 118 1.39 11.84 -9.06
CA THR B 118 2.17 12.77 -8.24
C THR B 118 1.25 13.86 -7.68
N ALA B 119 0.35 14.41 -8.53
CA ALA B 119 -0.65 15.40 -8.12
C ALA B 119 -1.58 14.82 -7.03
N GLN B 120 -2.00 13.54 -7.18
CA GLN B 120 -2.87 12.77 -6.29
C GLN B 120 -2.28 12.65 -4.88
N GLY B 121 -1.00 12.30 -4.78
CA GLY B 121 -0.31 12.19 -3.50
C GLY B 121 -0.12 13.53 -2.83
N MET B 122 0.26 14.55 -3.63
CA MET B 122 0.47 15.93 -3.16
C MET B 122 -0.82 16.56 -2.65
N ASP B 123 -1.95 16.33 -3.35
CA ASP B 123 -3.29 16.79 -2.94
C ASP B 123 -3.67 16.13 -1.58
N TYR B 124 -3.35 14.84 -1.42
CA TYR B 124 -3.62 14.13 -0.18
C TYR B 124 -2.79 14.72 0.99
N LEU B 125 -1.47 15.00 0.77
CA LEU B 125 -0.58 15.59 1.79
C LEU B 125 -1.12 16.94 2.23
N HIS B 126 -1.42 17.82 1.25
CA HIS B 126 -1.97 19.15 1.48
C HIS B 126 -3.28 19.09 2.25
N ALA B 127 -4.15 18.08 1.98
CA ALA B 127 -5.42 17.87 2.72
C ALA B 127 -5.17 17.48 4.19
N LYS B 128 -4.00 16.88 4.47
CA LYS B 128 -3.58 16.48 5.83
C LYS B 128 -2.72 17.60 6.46
N SER B 129 -2.71 18.80 5.83
CA SER B 129 -1.90 19.97 6.24
C SER B 129 -0.36 19.69 6.24
N ILE B 130 0.09 18.82 5.34
CA ILE B 130 1.50 18.48 5.20
C ILE B 130 2.10 19.22 4.01
N ILE B 131 3.07 20.12 4.28
CA ILE B 131 3.80 20.80 3.21
C ILE B 131 5.07 19.98 3.08
N HIS B 132 5.31 19.41 1.90
CA HIS B 132 6.49 18.59 1.65
C HIS B 132 7.80 19.40 1.84
N ARG B 133 7.93 20.56 1.14
CA ARG B 133 9.07 21.49 1.19
C ARG B 133 10.31 20.98 0.40
N ASP B 134 10.29 19.76 -0.13
CA ASP B 134 11.43 19.23 -0.89
C ASP B 134 10.99 18.29 -2.01
N LEU B 135 9.88 18.64 -2.70
CA LEU B 135 9.42 17.83 -3.82
C LEU B 135 10.40 17.98 -4.97
N LYS B 136 10.74 16.86 -5.58
CA LYS B 136 11.68 16.75 -6.69
C LYS B 136 11.56 15.32 -7.18
N SER B 137 12.09 15.04 -8.38
CA SER B 137 12.06 13.72 -9.00
C SER B 137 12.83 12.67 -8.18
N ASN B 138 13.86 13.07 -7.42
CA ASN B 138 14.59 12.14 -6.53
C ASN B 138 13.67 11.62 -5.39
N ASN B 139 12.59 12.38 -5.08
CA ASN B 139 11.65 12.05 -4.00
C ASN B 139 10.36 11.42 -4.54
N ILE B 140 10.35 11.07 -5.83
CA ILE B 140 9.23 10.39 -6.47
C ILE B 140 9.72 9.00 -6.85
N PHE B 141 9.28 7.97 -6.13
CA PHE B 141 9.72 6.63 -6.47
C PHE B 141 8.75 5.99 -7.41
N LEU B 142 9.24 5.26 -8.42
CA LEU B 142 8.35 4.54 -9.32
C LEU B 142 8.37 3.06 -8.97
N HIS B 143 7.42 2.65 -8.09
CA HIS B 143 7.24 1.27 -7.62
C HIS B 143 6.90 0.40 -8.83
N GLU B 144 7.73 -0.60 -9.12
CA GLU B 144 7.63 -1.49 -10.29
C GLU B 144 7.67 -0.68 -11.59
N ASP B 145 8.35 0.50 -11.55
CA ASP B 145 8.47 1.46 -12.64
C ASP B 145 7.07 1.86 -13.21
N LEU B 146 6.02 1.76 -12.36
CA LEU B 146 4.63 2.04 -12.75
C LEU B 146 3.85 2.93 -11.76
N THR B 147 4.01 2.71 -10.44
CA THR B 147 3.23 3.41 -9.42
C THR B 147 4.06 4.40 -8.64
N VAL B 148 3.61 5.67 -8.63
CA VAL B 148 4.27 6.75 -7.91
C VAL B 148 4.12 6.56 -6.38
N LYS B 149 5.26 6.67 -5.66
CA LYS B 149 5.34 6.68 -4.20
C LYS B 149 6.11 7.93 -3.82
N ILE B 150 5.42 8.92 -3.26
CA ILE B 150 6.09 10.14 -2.80
C ILE B 150 6.69 9.85 -1.40
N GLY B 151 7.91 10.33 -1.20
CA GLY B 151 8.63 10.23 0.07
C GLY B 151 9.62 11.36 0.20
N ASP B 152 10.57 11.21 1.11
CA ASP B 152 11.69 12.13 1.25
C ASP B 152 12.85 11.19 1.48
N PHE B 153 13.65 10.98 0.43
CA PHE B 153 14.77 10.05 0.42
C PHE B 153 16.13 10.69 0.68
N GLY B 154 16.11 11.94 1.16
CA GLY B 154 17.32 12.68 1.51
C GLY B 154 17.96 12.08 2.75
N LEU B 155 19.27 11.90 2.71
CA LEU B 155 20.01 11.31 3.82
C LEU B 155 21.02 12.31 4.41
N ALA B 156 20.50 13.45 4.91
CA ALA B 156 21.27 14.56 5.47
C ALA B 156 20.42 15.25 6.54
N ARG B 161 12.51 20.70 10.11
CA ARG B 161 12.43 19.63 9.13
C ARG B 161 10.95 19.22 8.91
N TRP B 162 10.26 18.80 9.99
CA TRP B 162 8.85 18.41 10.02
C TRP B 162 8.03 19.12 11.10
N SER B 163 8.50 20.32 11.56
CA SER B 163 7.83 21.16 12.57
C SER B 163 7.92 22.65 12.28
N GLY B 173 20.30 21.77 0.02
CA GLY B 173 19.33 22.56 -0.73
C GLY B 173 19.29 22.22 -2.22
N SER B 174 18.11 21.73 -2.67
CA SER B 174 17.76 21.28 -4.03
C SER B 174 17.13 22.44 -4.70
N ILE B 175 17.99 23.32 -5.20
CA ILE B 175 17.59 24.63 -5.71
C ILE B 175 16.86 24.58 -7.06
N LEU B 176 16.93 23.48 -7.86
CA LEU B 176 16.25 23.48 -9.18
C LEU B 176 14.73 23.51 -9.08
N TRP B 177 14.19 22.93 -7.98
CA TRP B 177 12.75 22.83 -7.70
C TRP B 177 12.26 23.90 -6.70
N MET B 178 13.14 24.84 -6.31
N MET B 178 13.14 24.82 -6.28
CA MET B 178 12.86 25.89 -5.31
CA MET B 178 12.77 25.84 -5.28
C MET B 178 12.17 27.09 -5.91
C MET B 178 12.16 27.07 -5.89
N ALA B 179 10.96 27.44 -5.41
CA ALA B 179 10.19 28.61 -5.89
C ALA B 179 11.01 29.92 -5.68
N PRO B 180 10.85 30.96 -6.54
CA PRO B 180 11.62 32.22 -6.34
C PRO B 180 11.57 32.81 -4.94
N GLU B 181 10.38 32.76 -4.29
CA GLU B 181 10.21 33.26 -2.91
C GLU B 181 10.98 32.40 -1.89
N VAL B 182 11.21 31.12 -2.20
CA VAL B 182 12.03 30.30 -1.30
C VAL B 182 13.51 30.65 -1.56
N ILE B 183 13.90 30.79 -2.86
CA ILE B 183 15.24 31.21 -3.28
C ILE B 183 15.63 32.54 -2.57
N ARG B 184 14.73 33.56 -2.60
CA ARG B 184 14.98 34.87 -2.00
C ARG B 184 15.16 34.85 -0.48
N MET B 185 14.44 33.97 0.24
CA MET B 185 14.49 33.85 1.71
C MET B 185 14.17 35.17 2.44
N GLN B 186 13.27 36.00 1.89
CA GLN B 186 12.90 37.29 2.49
C GLN B 186 12.00 37.14 3.71
N ASP B 187 11.17 36.08 3.72
CA ASP B 187 10.31 35.75 4.85
C ASP B 187 11.09 34.74 5.70
N LYS B 188 10.80 34.69 7.02
CA LYS B 188 11.42 33.74 7.96
C LYS B 188 11.03 32.31 7.51
N ASN B 189 9.76 32.14 7.09
CA ASN B 189 9.21 30.91 6.55
C ASN B 189 8.51 31.18 5.18
N PRO B 190 9.24 31.03 4.04
CA PRO B 190 8.62 31.29 2.73
C PRO B 190 8.01 30.04 2.07
N TYR B 191 7.80 28.97 2.86
CA TYR B 191 7.22 27.72 2.40
C TYR B 191 5.70 27.72 2.51
N SER B 192 5.00 27.23 1.48
CA SER B 192 3.54 27.21 1.41
C SER B 192 3.09 26.09 0.48
N PHE B 193 1.76 25.87 0.40
CA PHE B 193 1.24 24.89 -0.57
C PHE B 193 1.68 25.34 -1.98
N GLN B 194 1.76 26.67 -2.24
CA GLN B 194 2.17 27.21 -3.57
C GLN B 194 3.62 26.95 -3.91
N SER B 195 4.53 26.88 -2.91
CA SER B 195 5.92 26.57 -3.18
C SER B 195 6.05 25.07 -3.53
N ASP B 196 5.19 24.20 -2.93
CA ASP B 196 5.11 22.77 -3.31
C ASP B 196 4.57 22.65 -4.77
N VAL B 197 3.64 23.53 -5.13
CA VAL B 197 3.09 23.56 -6.50
C VAL B 197 4.19 23.91 -7.53
N TYR B 198 5.05 24.91 -7.22
CA TYR B 198 6.17 25.32 -8.08
C TYR B 198 7.12 24.13 -8.32
N ALA B 199 7.51 23.40 -7.24
CA ALA B 199 8.37 22.21 -7.31
C ALA B 199 7.77 21.16 -8.25
N PHE B 200 6.45 20.92 -8.13
CA PHE B 200 5.66 20.04 -8.99
C PHE B 200 5.72 20.53 -10.46
N GLY B 201 5.68 21.85 -10.67
CA GLY B 201 5.84 22.46 -12.00
C GLY B 201 7.16 22.07 -12.63
N ILE B 202 8.26 22.04 -11.83
CA ILE B 202 9.60 21.62 -12.27
C ILE B 202 9.62 20.10 -12.61
N VAL B 203 8.87 19.28 -11.82
CA VAL B 203 8.71 17.84 -12.06
C VAL B 203 7.98 17.69 -13.43
N LEU B 204 6.92 18.50 -13.66
CA LEU B 204 6.21 18.50 -14.96
C LEU B 204 7.21 18.80 -16.08
N TYR B 205 8.05 19.82 -15.88
CA TYR B 205 9.10 20.22 -16.79
C TYR B 205 10.05 19.04 -17.08
N GLU B 206 10.47 18.29 -16.04
CA GLU B 206 11.34 17.12 -16.18
C GLU B 206 10.69 16.02 -17.00
N LEU B 207 9.39 15.77 -16.78
CA LEU B 207 8.63 14.74 -17.47
C LEU B 207 8.46 15.07 -18.93
N MET B 208 8.07 16.32 -19.25
CA MET B 208 7.77 16.72 -20.62
C MET B 208 9.01 17.09 -21.45
N THR B 209 10.18 17.32 -20.81
CA THR B 209 11.41 17.62 -21.57
C THR B 209 12.40 16.47 -21.50
N GLY B 210 12.30 15.64 -20.46
CA GLY B 210 13.26 14.56 -20.19
C GLY B 210 14.52 15.15 -19.58
N GLN B 211 14.47 16.43 -19.20
CA GLN B 211 15.65 17.13 -18.71
C GLN B 211 15.48 17.94 -17.44
N LEU B 212 16.62 18.25 -16.82
CA LEU B 212 16.69 19.12 -15.65
C LEU B 212 16.77 20.57 -16.17
N PRO B 213 16.14 21.56 -15.49
CA PRO B 213 16.28 22.93 -15.97
C PRO B 213 17.70 23.48 -15.72
N TYR B 214 18.07 24.54 -16.48
CA TYR B 214 19.34 25.30 -16.36
C TYR B 214 20.62 24.47 -16.51
N SER B 215 20.56 23.38 -17.29
CA SER B 215 21.69 22.46 -17.56
C SER B 215 22.93 23.16 -18.16
N ASN B 216 22.71 24.27 -18.90
CA ASN B 216 23.73 25.07 -19.58
C ASN B 216 24.40 26.16 -18.69
N ILE B 217 24.01 26.25 -17.41
CA ILE B 217 24.61 27.19 -16.44
C ILE B 217 25.37 26.34 -15.41
N ASN B 218 26.69 26.58 -15.27
CA ASN B 218 27.49 25.74 -14.36
C ASN B 218 27.69 26.36 -12.96
N ASN B 219 27.16 27.58 -12.74
CA ASN B 219 27.37 28.27 -11.48
C ASN B 219 26.10 28.29 -10.66
N ARG B 220 26.13 27.58 -9.52
CA ARG B 220 25.00 27.46 -8.60
C ARG B 220 24.54 28.83 -8.04
N ASP B 221 25.52 29.69 -7.64
CA ASP B 221 25.25 31.02 -7.10
C ASP B 221 24.49 31.89 -8.08
N GLN B 222 24.83 31.81 -9.38
CA GLN B 222 24.18 32.56 -10.45
C GLN B 222 22.75 32.08 -10.70
N ILE B 223 22.51 30.75 -10.63
CA ILE B 223 21.16 30.19 -10.76
C ILE B 223 20.28 30.73 -9.61
N ILE B 224 20.79 30.68 -8.36
CA ILE B 224 20.03 31.18 -7.20
C ILE B 224 19.69 32.65 -7.38
N PHE B 225 20.69 33.48 -7.73
CA PHE B 225 20.51 34.91 -7.92
C PHE B 225 19.47 35.20 -9.03
N MET B 226 19.61 34.56 -10.17
CA MET B 226 18.74 34.81 -11.31
C MET B 226 17.31 34.34 -11.14
N VAL B 227 17.08 33.20 -10.46
CA VAL B 227 15.74 32.71 -10.21
C VAL B 227 15.02 33.68 -9.22
N GLY B 228 15.74 34.15 -8.20
CA GLY B 228 15.21 35.11 -7.24
C GLY B 228 14.82 36.43 -7.86
N ARG B 229 15.66 36.98 -8.74
CA ARG B 229 15.40 38.22 -9.45
C ARG B 229 14.38 38.09 -10.60
N GLY B 230 14.09 36.87 -11.04
CA GLY B 230 13.19 36.61 -12.15
C GLY B 230 13.85 36.80 -13.50
N TYR B 231 15.20 36.73 -13.54
CA TYR B 231 15.98 36.88 -14.79
C TYR B 231 16.03 35.57 -15.56
N LEU B 232 15.86 34.45 -14.83
CA LEU B 232 15.93 33.09 -15.32
C LEU B 232 14.69 32.32 -14.90
N SER B 233 14.18 31.49 -15.83
CA SER B 233 13.03 30.59 -15.61
C SER B 233 13.16 29.42 -16.60
N PRO B 234 12.50 28.24 -16.37
CA PRO B 234 12.69 27.12 -17.30
C PRO B 234 12.32 27.39 -18.76
N ASP B 235 13.14 26.87 -19.68
CA ASP B 235 12.97 27.03 -21.12
C ASP B 235 11.89 26.06 -21.59
N LEU B 236 10.64 26.56 -21.67
CA LEU B 236 9.48 25.73 -22.02
C LEU B 236 9.42 25.32 -23.50
N SER B 237 10.27 25.89 -24.38
CA SER B 237 10.29 25.44 -25.78
C SER B 237 10.91 24.01 -25.92
N LYS B 238 11.57 23.52 -24.82
CA LYS B 238 12.21 22.20 -24.73
C LYS B 238 11.23 21.04 -24.56
N VAL B 239 9.94 21.31 -24.28
CA VAL B 239 8.93 20.25 -24.09
C VAL B 239 8.75 19.46 -25.38
N ARG B 240 8.60 18.13 -25.27
CA ARG B 240 8.40 17.19 -26.39
C ARG B 240 7.26 17.67 -27.32
N SER B 241 7.37 17.38 -28.62
CA SER B 241 6.40 17.77 -29.66
C SER B 241 4.96 17.31 -29.36
N ASN B 242 4.80 16.11 -28.80
CA ASN B 242 3.49 15.53 -28.49
C ASN B 242 2.97 15.89 -27.08
N CYS B 243 3.56 16.91 -26.42
CA CYS B 243 3.05 17.34 -25.10
C CYS B 243 1.77 18.14 -25.37
N PRO B 244 0.58 17.71 -24.84
CA PRO B 244 -0.67 18.45 -25.11
C PRO B 244 -0.57 19.91 -24.65
N LYS B 245 -1.16 20.84 -25.43
CA LYS B 245 -1.14 22.27 -25.13
C LYS B 245 -1.65 22.57 -23.72
N ALA B 246 -2.66 21.80 -23.24
CA ALA B 246 -3.21 21.98 -21.88
C ALA B 246 -2.16 21.67 -20.80
N MET B 247 -1.29 20.67 -21.03
CA MET B 247 -0.21 20.29 -20.13
C MET B 247 0.86 21.38 -20.10
N LYS B 248 1.26 21.90 -21.27
CA LYS B 248 2.24 22.99 -21.34
C LYS B 248 1.75 24.25 -20.59
N ARG B 249 0.43 24.55 -20.73
CA ARG B 249 -0.24 25.67 -20.06
C ARG B 249 -0.29 25.46 -18.53
N LEU B 250 -0.62 24.22 -18.09
CA LEU B 250 -0.67 23.86 -16.67
C LEU B 250 0.73 24.00 -16.03
N MET B 251 1.79 23.56 -16.74
CA MET B 251 3.19 23.69 -16.33
C MET B 251 3.53 25.18 -16.11
N ALA B 252 3.20 26.05 -17.09
CA ALA B 252 3.38 27.50 -17.02
C ALA B 252 2.64 28.10 -15.81
N GLU B 253 1.42 27.60 -15.51
CA GLU B 253 0.61 28.06 -14.38
C GLU B 253 1.26 27.68 -13.03
N CYS B 254 1.77 26.44 -12.92
CA CYS B 254 2.47 25.94 -11.72
C CYS B 254 3.76 26.70 -11.43
N LEU B 255 4.45 27.12 -12.48
CA LEU B 255 5.74 27.82 -12.45
C LEU B 255 5.68 29.35 -12.32
N LYS B 256 4.48 29.93 -12.15
CA LYS B 256 4.35 31.40 -12.05
C LYS B 256 5.27 31.93 -10.96
N LYS B 257 5.91 33.07 -11.23
CA LYS B 257 6.83 33.72 -10.30
C LYS B 257 6.14 34.17 -9.00
N LYS B 258 4.89 34.70 -9.13
CA LYS B 258 4.06 35.16 -8.01
C LYS B 258 3.31 33.95 -7.46
N ARG B 259 3.58 33.59 -6.19
CA ARG B 259 2.95 32.40 -5.59
C ARG B 259 1.42 32.42 -5.64
N ASP B 260 0.79 33.61 -5.44
CA ASP B 260 -0.66 33.79 -5.44
C ASP B 260 -1.35 33.46 -6.78
N GLU B 261 -0.58 33.48 -7.88
CA GLU B 261 -1.05 33.17 -9.23
C GLU B 261 -1.05 31.66 -9.52
N ARG B 262 -0.37 30.86 -8.68
CA ARG B 262 -0.27 29.40 -8.88
C ARG B 262 -1.56 28.69 -8.51
N PRO B 263 -1.97 27.63 -9.27
CA PRO B 263 -3.17 26.88 -8.87
C PRO B 263 -2.85 25.93 -7.71
N LEU B 264 -3.85 25.48 -6.95
CA LEU B 264 -3.60 24.48 -5.88
C LEU B 264 -3.85 23.07 -6.43
N PHE B 265 -3.42 22.03 -5.70
CA PHE B 265 -3.49 20.64 -6.18
C PHE B 265 -4.91 20.17 -6.55
N PRO B 266 -6.06 20.53 -5.89
CA PRO B 266 -7.37 20.12 -6.43
C PRO B 266 -7.62 20.60 -7.88
N GLN B 267 -7.26 21.86 -8.22
CA GLN B 267 -7.40 22.42 -9.58
C GLN B 267 -6.38 21.73 -10.55
N ILE B 268 -5.12 21.52 -10.10
CA ILE B 268 -4.09 20.83 -10.89
C ILE B 268 -4.59 19.43 -11.29
N LEU B 269 -5.10 18.68 -10.30
CA LEU B 269 -5.63 17.32 -10.45
C LEU B 269 -6.76 17.28 -11.51
N ALA B 270 -7.73 18.22 -11.43
CA ALA B 270 -8.85 18.33 -12.37
C ALA B 270 -8.36 18.71 -13.78
N SER B 271 -7.26 19.49 -13.88
CA SER B 271 -6.71 19.86 -15.17
C SER B 271 -6.07 18.64 -15.85
N ILE B 272 -5.31 17.81 -15.07
CA ILE B 272 -4.65 16.61 -15.59
C ILE B 272 -5.66 15.58 -16.08
N GLU B 273 -6.62 15.21 -15.20
CA GLU B 273 -7.69 14.27 -15.52
C GLU B 273 -8.42 14.67 -16.80
N LEU B 274 -8.70 15.98 -16.98
CA LEU B 274 -9.35 16.53 -18.17
C LEU B 274 -8.51 16.37 -19.44
N LEU B 275 -7.22 16.75 -19.41
CA LEU B 275 -6.35 16.64 -20.59
C LEU B 275 -6.04 15.20 -20.96
N ALA B 276 -5.94 14.30 -19.94
CA ALA B 276 -5.67 12.87 -20.13
C ALA B 276 -6.82 12.18 -20.88
N ARG B 277 -8.07 12.63 -20.64
CA ARG B 277 -9.29 12.13 -21.29
C ARG B 277 -9.27 12.48 -22.78
N SER B 278 -8.72 13.66 -23.12
CA SER B 278 -8.60 14.20 -24.49
C SER B 278 -7.44 13.61 -25.33
N LEU B 279 -6.73 12.59 -24.81
CA LEU B 279 -5.61 11.95 -25.52
C LEU B 279 -6.10 10.99 -26.61
#